data_5O2O
#
_entry.id   5O2O
#
_cell.length_a   66.714
_cell.length_b   72.681
_cell.length_c   124.924
_cell.angle_alpha   90.00
_cell.angle_beta   90.00
_cell.angle_gamma   90.00
#
_symmetry.space_group_name_H-M   'P 21 21 21'
#
loop_
_entity.id
_entity.type
_entity.pdbx_description
1 polymer Transglycosylase
2 branched 2-acetamido-2-deoxy-beta-D-glucopyranose-(1-4)-2-acetamido-2-deoxy-beta-D-glucopyranose
3 non-polymer '2-[N-CYCLOHEXYLAMINO]ETHANE SULFONIC ACID'
4 water water
#
_entity_poly.entity_id   1
_entity_poly.type   'polypeptide(L)'
_entity_poly.pdbx_seq_one_letter_code
;MYLPSMKHSLPLLAALVLAACSSTNTLPAGKTPADNIETADLSASVPTRPAEPERKTLADYGGYPSALDAVKQKNDAAVA
AYLENAGDSAMAENVRNEWLKSLGARRQWTLFAQEYAKLEPAGRAQEVECYADSSRNDYTRAAELVKNTGKLPSGCTKLL
EQAAASGLLDGNDAWRRVRGLLAGRQTTDARNLAAALGSPFDGGTQGSREYALLNVIGKEARKSPNAAALLSEMESGLSL
EQRSFAWGVLGHYQSQNLNVPAALDYYGKVADRRQLTDDQIEWYARAALRARRWDELASVISHMPEKLQKSPTWLYWLAR
SRAATGNTQEAEKLYKQAAATGRNFYAVLAGEELGRKIDTRNNVPDAGKNSVRRMAEDGAVKRALVLFQNSQSAGDAKMR
RQAQAEWRFATRGFDEDKLLTAAQTAFDHGFYDMAVNSAERTDRKLNYTLRYISPFKDTVIRHAQNVNVDPAWVYGLIRQ
ESRFVIGAQSRVGAQGLMQVMPATAREIAGKIGMDAAQLYTADGNIRMGTWYMADTKRRLQNNEVLATAGYNAGPGRARR
WQADTPLEGAVYAETIPFSETRDYVKKVMANAAYYAALFGAPHIPLKQRMGIVPAR
;
_entity_poly.pdbx_strand_id   A
#
# COMPACT_ATOMS: atom_id res chain seq x y z
N ASP A 41 -4.37 24.83 -22.00
CA ASP A 41 -4.48 23.62 -22.86
C ASP A 41 -3.58 22.49 -22.43
N LEU A 42 -3.86 21.28 -22.92
CA LEU A 42 -3.00 20.15 -22.67
C LEU A 42 -2.11 20.08 -23.90
N SER A 43 -0.85 19.77 -23.69
CA SER A 43 0.08 19.63 -24.79
C SER A 43 -0.25 18.40 -25.63
N ALA A 44 -0.09 18.54 -26.93
CA ALA A 44 -0.33 17.44 -27.90
C ALA A 44 0.89 16.54 -28.05
N SER A 45 1.99 16.88 -27.39
CA SER A 45 3.23 16.11 -27.49
C SER A 45 3.05 14.67 -27.01
N VAL A 46 3.40 13.71 -27.86
CA VAL A 46 3.42 12.32 -27.44
C VAL A 46 4.79 11.70 -27.75
N PRO A 47 5.19 10.66 -26.99
CA PRO A 47 6.42 9.98 -27.35
C PRO A 47 6.29 9.19 -28.66
N THR A 48 7.42 8.91 -29.30
CA THR A 48 7.44 8.13 -30.54
C THR A 48 8.52 7.08 -30.52
N ARG A 49 8.54 6.29 -29.46
CA ARG A 49 9.48 5.18 -29.32
C ARG A 49 9.22 4.12 -30.38
N PRO A 50 10.29 3.52 -30.89
CA PRO A 50 10.19 2.50 -31.96
C PRO A 50 9.13 1.43 -31.63
N ALA A 51 8.18 1.28 -32.55
CA ALA A 51 7.14 0.25 -32.43
C ALA A 51 7.54 -1.05 -33.10
N GLU A 52 7.06 -2.14 -32.55
CA GLU A 52 7.30 -3.48 -33.11
C GLU A 52 5.97 -4.07 -33.52
N PRO A 53 6.00 -5.02 -34.45
CA PRO A 53 4.75 -5.61 -34.88
C PRO A 53 4.14 -6.45 -33.78
N GLU A 54 2.82 -6.60 -33.83
CA GLU A 54 2.11 -7.44 -32.82
C GLU A 54 2.71 -8.82 -32.72
N ARG A 55 3.15 -9.37 -33.86
CA ARG A 55 3.70 -10.69 -33.87
C ARG A 55 4.91 -10.80 -32.93
N LYS A 56 5.76 -9.78 -32.95
CA LYS A 56 6.96 -9.73 -32.14
C LYS A 56 6.60 -9.61 -30.67
N THR A 57 5.65 -8.74 -30.36
CA THR A 57 5.18 -8.62 -28.96
C THR A 57 4.68 -9.94 -28.43
N LEU A 58 3.83 -10.63 -29.23
CA LEU A 58 3.32 -11.94 -28.79
C LEU A 58 4.38 -13.04 -28.71
N ALA A 59 5.33 -13.02 -29.67
CA ALA A 59 6.44 -13.99 -29.59
C ALA A 59 7.25 -13.80 -28.35
N ASP A 60 7.54 -12.55 -28.03
CA ASP A 60 8.32 -12.24 -26.79
C ASP A 60 7.54 -12.67 -25.53
N TYR A 61 6.22 -12.45 -25.55
CA TYR A 61 5.44 -12.88 -24.41
C TYR A 61 5.38 -14.42 -24.29
N GLY A 62 5.33 -15.08 -25.45
CA GLY A 62 5.34 -16.54 -25.45
C GLY A 62 6.54 -17.13 -24.73
N GLY A 63 7.67 -16.41 -24.76
CA GLY A 63 8.91 -16.88 -24.10
C GLY A 63 9.08 -16.28 -22.70
N TYR A 64 8.18 -15.39 -22.28
CA TYR A 64 8.41 -14.66 -21.02
C TYR A 64 8.33 -15.53 -19.77
N PRO A 65 7.29 -16.41 -19.62
CA PRO A 65 7.27 -17.27 -18.44
C PRO A 65 8.45 -18.24 -18.38
N SER A 66 8.88 -18.79 -19.56
CA SER A 66 10.03 -19.68 -19.58
C SER A 66 11.32 -18.98 -19.22
N ALA A 67 11.41 -17.71 -19.53
CA ALA A 67 12.63 -16.93 -19.19
C ALA A 67 12.72 -16.73 -17.68
N LEU A 68 11.55 -16.49 -17.04
CA LEU A 68 11.53 -16.38 -15.60
C LEU A 68 11.85 -17.70 -14.93
N ASP A 69 11.41 -18.80 -15.55
CA ASP A 69 11.71 -20.14 -15.04
C ASP A 69 13.22 -20.42 -15.17
N ALA A 70 13.79 -19.95 -16.25
CA ALA A 70 15.21 -20.12 -16.51
C ALA A 70 16.05 -19.36 -15.48
N VAL A 71 15.55 -18.21 -15.02
CA VAL A 71 16.24 -17.55 -13.91
C VAL A 71 16.23 -18.44 -12.66
N LYS A 72 15.05 -18.97 -12.31
CA LYS A 72 14.91 -19.82 -11.12
C LYS A 72 15.81 -21.06 -11.22
N GLN A 73 15.94 -21.58 -12.44
CA GLN A 73 16.76 -22.80 -12.68
C GLN A 73 18.25 -22.49 -12.86
N LYS A 74 18.62 -21.23 -12.77
CA LYS A 74 20.02 -20.77 -12.97
C LYS A 74 20.55 -21.13 -14.34
N ASN A 75 19.66 -21.12 -15.32
CA ASN A 75 20.06 -21.36 -16.70
C ASN A 75 20.41 -20.06 -17.40
N ASP A 76 21.64 -19.56 -17.15
CA ASP A 76 22.00 -18.21 -17.62
C ASP A 76 22.01 -18.13 -19.15
N ALA A 77 22.39 -19.24 -19.81
CA ALA A 77 22.41 -19.21 -21.25
C ALA A 77 21.00 -19.00 -21.82
N ALA A 78 19.99 -19.61 -21.20
CA ALA A 78 18.61 -19.47 -21.69
C ALA A 78 18.09 -18.03 -21.45
N VAL A 79 18.46 -17.45 -20.31
CA VAL A 79 18.00 -16.08 -20.06
C VAL A 79 18.64 -15.11 -21.02
N ALA A 80 19.96 -15.26 -21.23
CA ALA A 80 20.64 -14.40 -22.16
C ALA A 80 20.04 -14.50 -23.56
N ALA A 81 19.67 -15.72 -23.94
CA ALA A 81 19.10 -15.94 -25.28
C ALA A 81 17.75 -15.22 -25.40
N TYR A 82 16.94 -15.28 -24.32
CA TYR A 82 15.64 -14.59 -24.39
C TYR A 82 15.87 -13.07 -24.54
N LEU A 83 16.80 -12.51 -23.75
CA LEU A 83 17.04 -11.07 -23.78
C LEU A 83 17.73 -10.53 -25.02
N GLU A 84 18.47 -11.39 -25.71
CA GLU A 84 19.35 -10.94 -26.79
C GLU A 84 18.63 -10.05 -27.80
N ASN A 85 17.47 -10.51 -28.26
CA ASN A 85 16.72 -9.79 -29.30
C ASN A 85 15.41 -9.26 -28.77
N ALA A 86 15.26 -9.22 -27.44
CA ALA A 86 14.02 -8.68 -26.84
C ALA A 86 13.81 -7.23 -27.20
N GLY A 87 12.53 -6.83 -27.28
CA GLY A 87 12.27 -5.41 -27.38
C GLY A 87 12.61 -4.70 -26.06
N ASP A 88 12.70 -3.38 -26.09
CA ASP A 88 12.88 -2.56 -24.89
C ASP A 88 11.54 -2.45 -24.14
N SER A 89 11.26 -3.47 -23.38
CA SER A 89 9.89 -3.75 -22.87
C SER A 89 9.96 -3.99 -21.38
N ALA A 90 8.77 -4.00 -20.70
CA ALA A 90 8.74 -4.47 -19.35
C ALA A 90 9.06 -5.94 -19.22
N MET A 91 8.76 -6.72 -20.30
CA MET A 91 9.13 -8.16 -20.24
C MET A 91 10.67 -8.31 -20.06
N ALA A 92 11.40 -7.58 -20.88
CA ALA A 92 12.88 -7.60 -20.78
C ALA A 92 13.35 -7.06 -19.47
N GLU A 93 12.75 -5.94 -19.03
CA GLU A 93 13.19 -5.34 -17.75
C GLU A 93 12.91 -6.25 -16.58
N ASN A 94 11.72 -6.88 -16.55
CA ASN A 94 11.38 -7.82 -15.50
C ASN A 94 12.32 -9.02 -15.47
N VAL A 95 12.57 -9.63 -16.64
CA VAL A 95 13.49 -10.79 -16.66
C VAL A 95 14.90 -10.35 -16.22
N ARG A 96 15.35 -9.21 -16.72
CA ARG A 96 16.70 -8.72 -16.38
C ARG A 96 16.81 -8.45 -14.88
N ASN A 97 15.81 -7.84 -14.27
CA ASN A 97 15.86 -7.62 -12.83
C ASN A 97 15.91 -8.90 -12.05
N GLU A 98 15.03 -9.86 -12.42
CA GLU A 98 15.03 -11.13 -11.68
C GLU A 98 16.36 -11.90 -11.87
N TRP A 99 16.88 -11.79 -13.08
CA TRP A 99 18.21 -12.42 -13.39
C TRP A 99 19.29 -11.79 -12.52
N LEU A 100 19.28 -10.46 -12.42
CA LEU A 100 20.30 -9.78 -11.63
C LEU A 100 20.24 -10.13 -10.17
N LYS A 101 19.03 -10.32 -9.61
CA LYS A 101 18.93 -10.75 -8.21
C LYS A 101 19.63 -12.10 -8.03
N SER A 102 19.46 -12.99 -9.02
CA SER A 102 20.07 -14.32 -8.95
C SER A 102 21.59 -14.25 -9.16
N LEU A 103 22.03 -13.40 -10.06
CA LEU A 103 23.46 -13.25 -10.35
C LEU A 103 24.16 -12.65 -9.14
N GLY A 104 23.53 -11.67 -8.49
CA GLY A 104 24.10 -11.07 -7.28
C GLY A 104 24.17 -12.12 -6.16
N ALA A 105 23.11 -12.89 -5.95
CA ALA A 105 23.11 -13.96 -4.92
C ALA A 105 24.24 -14.96 -5.20
N ARG A 106 24.50 -15.24 -6.47
CA ARG A 106 25.51 -16.24 -6.83
C ARG A 106 26.88 -15.65 -7.07
N ARG A 107 27.04 -14.35 -6.81
CA ARG A 107 28.29 -13.62 -6.95
C ARG A 107 28.94 -13.76 -8.34
N GLN A 108 28.10 -13.80 -9.38
CA GLN A 108 28.59 -13.75 -10.73
C GLN A 108 28.67 -12.31 -11.16
N TRP A 109 29.73 -11.62 -10.72
CA TRP A 109 29.77 -10.17 -10.78
C TRP A 109 30.07 -9.57 -12.12
N THR A 110 30.79 -10.31 -12.98
CA THR A 110 31.06 -9.80 -14.32
C THR A 110 29.77 -9.77 -15.19
N LEU A 111 29.03 -10.86 -15.16
CA LEU A 111 27.75 -10.93 -15.87
C LEU A 111 26.75 -9.92 -15.22
N PHE A 112 26.81 -9.83 -13.89
CA PHE A 112 25.94 -8.85 -13.20
C PHE A 112 26.18 -7.44 -13.71
N ALA A 113 27.46 -7.01 -13.75
CA ALA A 113 27.74 -5.65 -14.14
C ALA A 113 27.33 -5.39 -15.59
N GLN A 114 27.56 -6.39 -16.45
CA GLN A 114 27.16 -6.25 -17.85
C GLN A 114 25.67 -5.97 -18.00
N GLU A 115 24.87 -6.73 -17.25
CA GLU A 115 23.40 -6.61 -17.38
C GLU A 115 22.80 -5.45 -16.64
N TYR A 116 23.40 -5.10 -15.51
CA TYR A 116 22.99 -3.92 -14.76
C TYR A 116 23.09 -2.65 -15.60
N ALA A 117 24.10 -2.64 -16.48
CA ALA A 117 24.40 -1.50 -17.33
C ALA A 117 23.33 -1.36 -18.41
N LYS A 118 22.53 -2.41 -18.58
CA LYS A 118 21.44 -2.33 -19.56
C LYS A 118 20.08 -1.90 -18.99
N LEU A 119 19.95 -1.81 -17.68
CA LEU A 119 18.72 -1.31 -17.07
C LEU A 119 18.66 0.18 -16.98
N GLU A 120 17.49 0.77 -17.28
CA GLU A 120 17.27 2.18 -17.00
C GLU A 120 17.22 2.36 -15.47
N PRO A 121 17.76 3.48 -14.95
CA PRO A 121 17.79 3.62 -13.48
C PRO A 121 16.42 3.57 -12.86
N ALA A 122 15.42 4.22 -13.48
CA ALA A 122 14.06 4.16 -12.87
C ALA A 122 13.46 2.75 -12.92
N GLY A 123 14.11 1.86 -13.66
CA GLY A 123 13.62 0.49 -13.83
C GLY A 123 14.33 -0.51 -12.93
N ARG A 124 15.43 -0.09 -12.27
CA ARG A 124 16.18 -1.02 -11.42
CA ARG A 124 16.19 -1.02 -11.45
C ARG A 124 15.44 -1.32 -10.16
N ALA A 125 15.22 -2.59 -9.85
CA ALA A 125 14.64 -3.05 -8.61
C ALA A 125 15.50 -2.67 -7.39
N GLN A 126 14.84 -2.49 -6.24
CA GLN A 126 15.55 -2.15 -4.99
C GLN A 126 16.70 -3.13 -4.67
N GLU A 127 16.42 -4.41 -4.72
CA GLU A 127 17.44 -5.40 -4.37
C GLU A 127 18.61 -5.42 -5.38
N VAL A 128 18.31 -5.11 -6.62
CA VAL A 128 19.34 -5.05 -7.66
C VAL A 128 20.25 -3.85 -7.40
N GLU A 129 19.70 -2.70 -7.01
CA GLU A 129 20.52 -1.52 -6.66
C GLU A 129 21.42 -1.86 -5.46
N CYS A 130 20.89 -2.62 -4.52
CA CYS A 130 21.71 -2.97 -3.31
C CYS A 130 22.86 -3.90 -3.71
N TYR A 131 22.58 -4.90 -4.56
CA TYR A 131 23.69 -5.78 -5.01
C TYR A 131 24.72 -4.95 -5.77
N ALA A 132 24.28 -4.07 -6.65
CA ALA A 132 25.21 -3.24 -7.44
C ALA A 132 26.09 -2.36 -6.56
N ASP A 133 25.47 -1.70 -5.62
CA ASP A 133 26.26 -0.85 -4.73
C ASP A 133 27.22 -1.67 -3.88
N SER A 134 26.77 -2.80 -3.37
N SER A 134 26.77 -2.81 -3.37
CA SER A 134 27.67 -3.69 -2.61
CA SER A 134 27.63 -3.72 -2.59
C SER A 134 28.88 -4.09 -3.44
C SER A 134 28.82 -4.26 -3.39
N SER A 135 28.63 -4.40 -4.71
CA SER A 135 29.74 -4.79 -5.60
C SER A 135 30.75 -3.69 -5.80
N ARG A 136 30.39 -2.43 -5.62
CA ARG A 136 31.31 -1.28 -5.70
C ARG A 136 31.78 -0.80 -4.30
N ASN A 137 31.43 -1.56 -3.27
CA ASN A 137 31.71 -1.19 -1.86
C ASN A 137 31.16 0.15 -1.48
N ASP A 138 30.02 0.52 -2.08
CA ASP A 138 29.41 1.81 -1.88
C ASP A 138 28.20 1.69 -0.94
N TYR A 139 28.33 2.20 0.28
CA TYR A 139 27.28 2.01 1.30
C TYR A 139 26.44 3.24 1.56
N THR A 140 26.39 4.13 0.58
CA THR A 140 25.58 5.36 0.66
C THR A 140 24.10 5.09 1.01
N ARG A 141 23.55 4.04 0.44
CA ARG A 141 22.11 3.76 0.68
C ARG A 141 21.86 3.25 2.11
N ALA A 142 22.94 2.85 2.81
CA ALA A 142 22.74 2.20 4.16
C ALA A 142 22.10 3.13 5.18
N ALA A 143 22.45 4.39 5.16
CA ALA A 143 21.91 5.30 6.20
C ALA A 143 20.40 5.30 6.20
N GLU A 144 19.77 5.31 5.01
CA GLU A 144 18.31 5.22 4.96
C GLU A 144 17.79 3.82 5.14
N LEU A 145 18.45 2.83 4.53
CA LEU A 145 17.95 1.45 4.63
C LEU A 145 17.91 0.89 6.04
N VAL A 146 18.87 1.32 6.86
CA VAL A 146 18.98 0.74 8.20
C VAL A 146 17.82 1.22 9.08
N LYS A 147 17.17 2.31 8.69
CA LYS A 147 16.02 2.81 9.45
C LYS A 147 14.81 1.85 9.31
N ASN A 148 14.82 0.97 8.30
CA ASN A 148 13.80 -0.07 8.16
C ASN A 148 14.02 -1.15 9.22
N THR A 149 12.97 -1.50 9.98
CA THR A 149 13.12 -2.47 11.03
C THR A 149 12.51 -3.81 10.70
N GLY A 150 12.14 -4.01 9.43
CA GLY A 150 11.50 -5.23 9.03
C GLY A 150 12.31 -6.02 8.01
N LYS A 151 11.69 -7.08 7.49
CA LYS A 151 12.40 -7.92 6.49
C LYS A 151 12.71 -7.09 5.24
N LEU A 152 13.95 -7.22 4.78
CA LEU A 152 14.36 -6.60 3.50
C LEU A 152 14.80 -7.72 2.55
N PRO A 153 14.80 -7.43 1.24
CA PRO A 153 15.33 -8.45 0.31
C PRO A 153 16.79 -8.79 0.65
N SER A 154 17.23 -9.97 0.24
CA SER A 154 18.55 -10.50 0.64
C SER A 154 19.66 -9.55 0.24
N GLY A 155 19.66 -9.06 -0.99
CA GLY A 155 20.71 -8.13 -1.40
C GLY A 155 20.82 -6.91 -0.51
N CYS A 156 19.68 -6.35 -0.09
CA CYS A 156 19.70 -5.16 0.78
C CYS A 156 20.10 -5.52 2.21
N THR A 157 19.64 -6.69 2.69
CA THR A 157 20.01 -7.17 4.00
C THR A 157 21.53 -7.32 4.09
N LYS A 158 22.09 -7.89 3.03
CA LYS A 158 23.59 -8.11 2.96
C LYS A 158 24.37 -6.79 2.84
N LEU A 159 23.81 -5.80 2.12
CA LEU A 159 24.40 -4.50 2.02
C LEU A 159 24.55 -3.95 3.45
N LEU A 160 23.51 -4.07 4.26
CA LEU A 160 23.55 -3.48 5.60
C LEU A 160 24.54 -4.24 6.49
N GLU A 161 24.61 -5.56 6.32
CA GLU A 161 25.59 -6.33 7.11
C GLU A 161 27.01 -5.96 6.73
N GLN A 162 27.25 -5.68 5.45
CA GLN A 162 28.59 -5.23 5.02
C GLN A 162 28.91 -3.85 5.51
N ALA A 163 27.97 -2.94 5.49
CA ALA A 163 28.20 -1.61 6.01
C ALA A 163 28.54 -1.72 7.52
N ALA A 164 27.80 -2.56 8.24
CA ALA A 164 28.03 -2.72 9.68
C ALA A 164 29.44 -3.16 9.99
N ALA A 165 29.90 -4.16 9.27
CA ALA A 165 31.24 -4.70 9.49
C ALA A 165 32.35 -3.70 9.17
N SER A 166 32.08 -2.68 8.36
CA SER A 166 33.10 -1.65 8.04
C SER A 166 32.90 -0.39 8.88
N GLY A 167 32.05 -0.46 9.90
CA GLY A 167 31.83 0.69 10.75
C GLY A 167 31.12 1.87 10.11
N LEU A 168 30.33 1.59 9.08
CA LEU A 168 29.71 2.61 8.28
C LEU A 168 28.22 2.80 8.61
N LEU A 169 27.73 2.17 9.68
CA LEU A 169 26.34 2.35 10.15
C LEU A 169 26.21 3.18 11.41
N ASP A 170 25.16 4.01 11.52
CA ASP A 170 24.84 4.69 12.76
C ASP A 170 24.46 3.61 13.81
N GLY A 171 25.17 3.63 14.94
CA GLY A 171 25.03 2.55 15.95
C GLY A 171 23.60 2.53 16.52
N ASN A 172 23.06 3.71 16.83
CA ASN A 172 21.69 3.81 17.32
C ASN A 172 20.69 3.16 16.36
N ASP A 173 20.82 3.46 15.08
CA ASP A 173 19.87 2.94 14.10
C ASP A 173 20.12 1.47 13.86
N ALA A 174 21.37 1.04 13.86
CA ALA A 174 21.69 -0.38 13.61
C ALA A 174 21.08 -1.32 14.67
N TRP A 175 21.26 -0.93 15.94
CA TRP A 175 20.73 -1.77 17.02
C TRP A 175 19.21 -1.72 17.07
N ARG A 176 18.63 -0.56 16.71
CA ARG A 176 17.17 -0.47 16.59
C ARG A 176 16.71 -1.50 15.54
N ARG A 177 17.44 -1.64 14.44
CA ARG A 177 17.05 -2.62 13.44
C ARG A 177 17.20 -4.06 13.97
N VAL A 178 18.28 -4.33 14.71
CA VAL A 178 18.43 -5.64 15.32
C VAL A 178 17.17 -5.98 16.20
N ARG A 179 16.80 -5.02 17.04
CA ARG A 179 15.60 -5.20 17.90
C ARG A 179 14.36 -5.40 17.09
N GLY A 180 14.18 -4.57 16.06
CA GLY A 180 13.01 -4.72 15.18
C GLY A 180 12.92 -6.09 14.56
N LEU A 181 14.06 -6.62 14.09
CA LEU A 181 14.09 -7.93 13.48
C LEU A 181 13.79 -9.03 14.46
N LEU A 182 14.30 -8.90 15.69
CA LEU A 182 13.95 -9.87 16.78
C LEU A 182 12.44 -9.86 17.04
N ALA A 183 11.86 -8.68 17.13
CA ALA A 183 10.39 -8.58 17.40
C ALA A 183 9.55 -9.09 16.23
N GLY A 184 10.08 -9.04 15.00
CA GLY A 184 9.32 -9.47 13.84
C GLY A 184 9.63 -10.92 13.45
N ARG A 185 10.33 -11.64 14.33
CA ARG A 185 10.67 -13.05 14.21
C ARG A 185 11.56 -13.27 13.00
N GLN A 186 12.39 -12.28 12.72
CA GLN A 186 13.44 -12.43 11.72
C GLN A 186 14.76 -12.67 12.45
N THR A 187 14.80 -13.76 13.20
CA THR A 187 15.91 -13.99 14.10
C THR A 187 17.27 -14.17 13.42
N THR A 188 17.29 -14.86 12.29
CA THR A 188 18.54 -15.06 11.57
C THR A 188 19.14 -13.74 11.11
N ASP A 189 18.30 -12.86 10.54
CA ASP A 189 18.80 -11.54 10.08
C ASP A 189 19.25 -10.74 11.27
N ALA A 190 18.52 -10.80 12.39
CA ALA A 190 18.93 -10.07 13.60
C ALA A 190 20.31 -10.55 14.04
N ARG A 191 20.46 -11.86 14.04
CA ARG A 191 21.70 -12.51 14.49
C ARG A 191 22.88 -12.11 13.65
N ASN A 192 22.66 -12.08 12.32
CA ASN A 192 23.73 -11.75 11.38
C ASN A 192 24.13 -10.28 11.45
N LEU A 193 23.16 -9.40 11.63
CA LEU A 193 23.49 -7.98 11.81
C LEU A 193 24.28 -7.74 13.11
N ALA A 194 23.83 -8.35 14.22
CA ALA A 194 24.58 -8.20 15.50
C ALA A 194 26.02 -8.68 15.37
N ALA A 195 26.22 -9.81 14.72
CA ALA A 195 27.56 -10.31 14.45
C ALA A 195 28.39 -9.29 13.65
N ALA A 196 27.79 -8.73 12.58
CA ALA A 196 28.51 -7.78 11.76
C ALA A 196 28.84 -6.51 12.53
N LEU A 197 28.03 -6.20 13.56
CA LEU A 197 28.30 -5.03 14.39
C LEU A 197 29.40 -5.31 15.43
N GLY A 198 29.83 -6.55 15.48
CA GLY A 198 30.92 -6.93 16.41
C GLY A 198 30.44 -7.38 17.76
N SER A 199 29.13 -7.65 17.88
CA SER A 199 28.54 -8.04 19.20
C SER A 199 27.55 -9.18 19.00
N PRO A 200 28.04 -10.42 18.78
CA PRO A 200 27.18 -11.52 18.41
C PRO A 200 26.30 -12.00 19.55
N PHE A 201 25.25 -12.69 19.19
CA PHE A 201 24.28 -13.16 20.19
C PHE A 201 24.94 -14.10 21.25
N ASP A 202 26.06 -14.71 20.92
CA ASP A 202 26.77 -15.58 21.88
C ASP A 202 28.08 -14.95 22.40
N GLY A 203 28.19 -13.63 22.35
CA GLY A 203 29.43 -12.96 22.74
C GLY A 203 29.48 -12.40 24.14
N GLY A 204 28.41 -12.61 24.93
CA GLY A 204 28.37 -12.07 26.29
C GLY A 204 28.27 -10.56 26.42
N THR A 205 28.20 -9.83 25.29
CA THR A 205 28.13 -8.37 25.30
C THR A 205 26.74 -7.89 24.86
N GLN A 206 26.66 -6.74 24.21
CA GLN A 206 25.37 -6.14 23.85
C GLN A 206 24.44 -7.12 23.11
N GLY A 207 24.97 -7.77 22.08
CA GLY A 207 24.20 -8.73 21.30
C GLY A 207 23.48 -9.75 22.16
N SER A 208 24.20 -10.32 23.12
CA SER A 208 23.62 -11.42 23.90
C SER A 208 22.47 -10.91 24.78
N ARG A 209 22.61 -9.69 25.26
CA ARG A 209 21.59 -9.04 26.06
C ARG A 209 20.34 -8.75 25.21
N GLU A 210 20.55 -8.27 23.99
CA GLU A 210 19.36 -7.99 23.14
C GLU A 210 18.60 -9.24 22.80
N TYR A 211 19.31 -10.33 22.52
CA TYR A 211 18.72 -11.62 22.25
C TYR A 211 17.95 -12.19 23.45
N ALA A 212 18.51 -11.98 24.62
CA ALA A 212 17.87 -12.50 25.85
C ALA A 212 16.53 -11.81 26.07
N LEU A 213 16.41 -10.57 25.63
CA LEU A 213 15.16 -9.81 25.76
C LEU A 213 13.99 -10.41 25.02
N LEU A 214 14.21 -11.43 24.21
CA LEU A 214 13.12 -12.17 23.60
C LEU A 214 12.12 -12.73 24.62
N ASN A 215 12.52 -12.83 25.89
CA ASN A 215 11.59 -13.39 26.87
C ASN A 215 10.46 -12.41 27.13
N VAL A 216 10.67 -11.17 26.70
CA VAL A 216 9.62 -10.15 26.76
C VAL A 216 9.10 -9.82 25.36
N ILE A 217 10.01 -9.64 24.41
CA ILE A 217 9.62 -9.04 23.12
C ILE A 217 9.28 -10.07 22.02
N GLY A 218 9.46 -11.36 22.30
CA GLY A 218 9.04 -12.42 21.38
C GLY A 218 7.60 -12.29 20.94
N LYS A 219 7.28 -12.84 19.77
CA LYS A 219 5.91 -12.87 19.24
C LYS A 219 4.85 -13.38 20.21
N GLU A 220 5.11 -14.49 20.86
CA GLU A 220 4.17 -15.01 21.87
C GLU A 220 4.42 -14.43 23.26
N ALA A 221 5.69 -14.23 23.60
CA ALA A 221 6.03 -13.71 24.92
C ALA A 221 5.36 -12.38 25.22
N ARG A 222 5.22 -11.51 24.20
CA ARG A 222 4.68 -10.17 24.42
C ARG A 222 3.21 -10.22 24.80
N LYS A 223 2.55 -11.35 24.50
CA LYS A 223 1.11 -11.49 24.73
C LYS A 223 0.82 -12.00 26.14
N SER A 224 1.86 -12.48 26.83
CA SER A 224 1.74 -13.12 28.15
C SER A 224 1.13 -12.13 29.14
N PRO A 225 0.27 -12.66 30.07
CA PRO A 225 -0.31 -11.80 31.09
C PRO A 225 0.78 -11.25 32.01
N ASN A 226 1.95 -11.89 31.98
CA ASN A 226 3.07 -11.60 32.83
C ASN A 226 4.19 -10.81 32.14
N ALA A 227 3.98 -10.39 30.89
CA ALA A 227 5.06 -9.74 30.13
C ALA A 227 5.49 -8.42 30.81
N ALA A 228 4.52 -7.57 31.12
CA ALA A 228 4.80 -6.27 31.70
C ALA A 228 5.45 -6.41 33.03
N ALA A 229 5.00 -7.41 33.80
CA ALA A 229 5.57 -7.70 35.11
C ALA A 229 7.01 -8.19 34.98
N LEU A 230 7.26 -9.02 33.99
CA LEU A 230 8.66 -9.52 33.77
C LEU A 230 9.59 -8.40 33.26
N LEU A 231 9.07 -7.51 32.40
CA LEU A 231 9.88 -6.40 31.94
C LEU A 231 10.22 -5.47 33.10
N SER A 232 9.23 -5.23 33.98
CA SER A 232 9.42 -4.34 35.13
C SER A 232 10.48 -4.88 36.07
N GLU A 233 10.59 -6.21 36.14
CA GLU A 233 11.57 -6.88 36.97
C GLU A 233 13.00 -6.78 36.44
N MET A 234 13.17 -6.93 35.13
CA MET A 234 14.53 -6.95 34.60
C MET A 234 15.03 -5.59 34.12
N GLU A 235 14.16 -4.60 34.20
CA GLU A 235 14.42 -3.24 33.70
C GLU A 235 15.70 -2.57 34.19
N SER A 236 16.08 -2.78 35.45
CA SER A 236 17.28 -2.09 36.00
C SER A 236 18.58 -2.49 35.28
N GLY A 237 18.62 -3.69 34.71
CA GLY A 237 19.82 -4.14 33.99
C GLY A 237 19.77 -3.90 32.49
N LEU A 238 18.81 -3.09 32.02
CA LEU A 238 18.66 -2.79 30.58
C LEU A 238 19.04 -1.35 30.31
N SER A 239 19.56 -1.10 29.10
CA SER A 239 19.93 0.24 28.66
C SER A 239 18.70 1.05 28.38
N LEU A 240 18.86 2.35 28.30
CA LEU A 240 17.76 3.26 28.01
C LEU A 240 17.08 2.80 26.70
N GLU A 241 17.91 2.44 25.74
CA GLU A 241 17.40 2.00 24.39
C GLU A 241 16.65 0.70 24.41
N GLN A 242 17.17 -0.30 25.12
CA GLN A 242 16.49 -1.59 25.25
C GLN A 242 15.18 -1.45 26.05
N ARG A 243 15.14 -0.65 27.13
CA ARG A 243 13.91 -0.43 27.87
C ARG A 243 12.84 0.26 27.05
N SER A 244 13.25 1.29 26.33
CA SER A 244 12.30 2.03 25.45
C SER A 244 11.70 1.12 24.41
N PHE A 245 12.54 0.35 23.74
CA PHE A 245 12.03 -0.57 22.72
C PHE A 245 11.10 -1.63 23.29
N ALA A 246 11.46 -2.20 24.44
CA ALA A 246 10.68 -3.29 24.99
C ALA A 246 9.26 -2.81 25.43
N TRP A 247 9.18 -1.66 26.08
CA TRP A 247 7.84 -1.11 26.41
C TRP A 247 7.06 -0.78 25.17
N GLY A 248 7.76 -0.40 24.09
CA GLY A 248 7.10 -0.15 22.80
C GLY A 248 6.50 -1.43 22.24
N VAL A 249 7.19 -2.53 22.37
CA VAL A 249 6.65 -3.84 21.92
C VAL A 249 5.37 -4.20 22.70
N LEU A 250 5.45 -4.06 24.02
CA LEU A 250 4.25 -4.37 24.84
C LEU A 250 3.13 -3.39 24.59
N GLY A 251 3.46 -2.12 24.48
CA GLY A 251 2.41 -1.10 24.18
C GLY A 251 1.77 -1.37 22.86
N HIS A 252 2.59 -1.71 21.83
CA HIS A 252 2.07 -2.01 20.50
C HIS A 252 1.09 -3.17 20.47
N TYR A 253 1.41 -4.21 21.19
CA TYR A 253 0.53 -5.39 21.21
C TYR A 253 -0.83 -5.02 21.88
N GLN A 254 -0.76 -4.28 22.98
CA GLN A 254 -2.01 -3.90 23.64
C GLN A 254 -2.82 -2.99 22.73
N SER A 255 -2.14 -2.04 22.09
CA SER A 255 -2.82 -1.05 21.31
C SER A 255 -3.54 -1.72 20.16
N GLN A 256 -2.83 -2.65 19.49
CA GLN A 256 -3.42 -3.34 18.34
C GLN A 256 -4.54 -4.31 18.79
N ASN A 257 -4.50 -4.76 20.06
CA ASN A 257 -5.57 -5.52 20.64
C ASN A 257 -6.68 -4.62 21.21
N LEU A 258 -6.54 -3.30 21.07
CA LEU A 258 -7.56 -2.30 21.43
C LEU A 258 -7.83 -2.31 22.94
N ASN A 259 -6.78 -2.64 23.70
CA ASN A 259 -6.78 -2.41 25.17
C ASN A 259 -6.10 -1.11 25.39
N VAL A 260 -6.84 -0.02 25.25
CA VAL A 260 -6.25 1.31 25.18
C VAL A 260 -5.61 1.76 26.50
N PRO A 261 -6.29 1.51 27.65
CA PRO A 261 -5.65 1.89 28.93
C PRO A 261 -4.31 1.20 29.14
N ALA A 262 -4.22 -0.11 28.90
CA ALA A 262 -2.97 -0.82 29.09
C ALA A 262 -1.94 -0.34 28.09
N ALA A 263 -2.36 -0.10 26.85
CA ALA A 263 -1.43 0.42 25.82
C ALA A 263 -0.79 1.75 26.27
N LEU A 264 -1.62 2.65 26.77
CA LEU A 264 -1.12 3.96 27.18
C LEU A 264 -0.24 3.87 28.42
N ASP A 265 -0.54 2.95 29.31
CA ASP A 265 0.32 2.69 30.48
C ASP A 265 1.72 2.24 30.03
N TYR A 266 1.78 1.27 29.11
CA TYR A 266 3.08 0.75 28.68
C TYR A 266 3.86 1.74 27.80
N TYR A 267 3.16 2.36 26.85
CA TYR A 267 3.80 3.40 26.03
C TYR A 267 4.26 4.61 26.86
N GLY A 268 3.56 4.91 27.95
CA GLY A 268 3.98 5.98 28.85
C GLY A 268 5.31 5.72 29.51
N LYS A 269 5.77 4.45 29.52
CA LYS A 269 7.06 4.07 30.08
C LYS A 269 8.21 4.11 29.08
N VAL A 270 7.90 4.51 27.84
CA VAL A 270 8.93 4.68 26.81
C VAL A 270 9.63 6.02 27.00
N ALA A 271 10.85 5.98 27.46
CA ALA A 271 11.56 7.21 27.78
C ALA A 271 12.17 7.86 26.55
N ASP A 272 12.60 7.05 25.58
CA ASP A 272 13.11 7.55 24.28
C ASP A 272 12.24 7.02 23.10
N ARG A 273 11.28 7.80 22.68
CA ARG A 273 10.28 7.41 21.67
C ARG A 273 10.93 7.19 20.28
N ARG A 274 12.07 7.83 20.00
CA ARG A 274 12.72 7.55 18.72
C ARG A 274 13.29 6.14 18.62
N GLN A 275 13.37 5.41 19.74
CA GLN A 275 13.78 4.01 19.70
C GLN A 275 12.70 3.05 19.10
N LEU A 276 11.48 3.53 19.10
CA LEU A 276 10.34 2.75 18.62
C LEU A 276 10.42 2.52 17.10
N THR A 277 9.89 1.38 16.66
CA THR A 277 9.68 1.17 15.21
C THR A 277 8.59 2.10 14.72
N ASP A 278 8.48 2.26 13.40
CA ASP A 278 7.44 3.09 12.88
C ASP A 278 6.05 2.55 13.31
N ASP A 279 5.87 1.23 13.24
CA ASP A 279 4.56 0.64 13.58
C ASP A 279 4.28 0.88 15.08
N GLN A 280 5.31 0.74 15.92
CA GLN A 280 5.10 0.98 17.36
C GLN A 280 4.68 2.41 17.64
N ILE A 281 5.36 3.38 17.02
CA ILE A 281 5.02 4.76 17.36
C ILE A 281 3.65 5.16 16.75
N GLU A 282 3.31 4.62 15.59
CA GLU A 282 1.97 4.90 15.08
C GLU A 282 0.91 4.30 15.95
N TRP A 283 1.16 3.14 16.53
CA TRP A 283 0.17 2.52 17.39
C TRP A 283 0.09 3.24 18.74
N TYR A 284 1.14 3.98 19.13
CA TYR A 284 1.03 4.85 20.31
C TYR A 284 0.13 6.04 19.96
N ALA A 285 0.37 6.69 18.82
CA ALA A 285 -0.52 7.75 18.40
C ALA A 285 -1.99 7.25 18.33
N ARG A 286 -2.21 6.05 17.75
CA ARG A 286 -3.56 5.48 17.64
C ARG A 286 -4.23 5.28 19.00
N ALA A 287 -3.47 4.84 20.00
CA ALA A 287 -4.07 4.66 21.34
C ALA A 287 -4.45 6.04 21.90
N ALA A 288 -3.57 7.03 21.75
CA ALA A 288 -3.90 8.36 22.29
C ALA A 288 -5.09 8.93 21.56
N LEU A 289 -5.16 8.66 20.25
CA LEU A 289 -6.30 9.12 19.48
C LEU A 289 -7.57 8.50 19.96
N ARG A 290 -7.55 7.20 20.15
CA ARG A 290 -8.79 6.49 20.55
C ARG A 290 -9.30 6.96 21.94
N ALA A 291 -8.36 7.37 22.80
CA ALA A 291 -8.67 7.85 24.15
C ALA A 291 -8.95 9.34 24.18
N ARG A 292 -8.83 10.01 23.04
CA ARG A 292 -9.05 11.46 22.95
C ARG A 292 -8.08 12.22 23.87
N ARG A 293 -6.84 11.75 23.95
CA ARG A 293 -5.78 12.44 24.66
C ARG A 293 -5.01 13.32 23.69
N TRP A 294 -5.56 14.50 23.44
CA TRP A 294 -5.04 15.34 22.35
C TRP A 294 -3.63 15.84 22.61
N ASP A 295 -3.31 16.15 23.87
CA ASP A 295 -1.99 16.63 24.18
C ASP A 295 -0.98 15.51 24.00
N GLU A 296 -1.30 14.31 24.47
CA GLU A 296 -0.38 13.19 24.35
C GLU A 296 -0.17 12.77 22.88
N LEU A 297 -1.24 12.88 22.13
CA LEU A 297 -1.16 12.59 20.67
C LEU A 297 -0.18 13.55 20.01
N ALA A 298 -0.35 14.85 20.28
CA ALA A 298 0.51 15.85 19.68
C ALA A 298 1.98 15.60 20.05
N SER A 299 2.23 15.27 21.31
CA SER A 299 3.59 14.95 21.74
C SER A 299 4.21 13.75 21.00
N VAL A 300 3.42 12.69 20.90
CA VAL A 300 3.91 11.48 20.20
C VAL A 300 4.22 11.78 18.73
N ILE A 301 3.34 12.50 18.04
CA ILE A 301 3.58 12.85 16.63
C ILE A 301 4.90 13.60 16.49
N SER A 302 5.18 14.51 17.43
CA SER A 302 6.41 15.30 17.33
C SER A 302 7.67 14.46 17.49
N HIS A 303 7.56 13.22 18.02
CA HIS A 303 8.71 12.33 18.08
C HIS A 303 8.83 11.34 16.90
N MET A 304 7.86 11.39 15.97
CA MET A 304 7.88 10.50 14.79
C MET A 304 9.00 10.95 13.82
N PRO A 305 9.49 10.05 12.99
CA PRO A 305 10.34 10.46 11.87
C PRO A 305 9.61 11.48 10.98
N GLU A 306 10.38 12.34 10.33
CA GLU A 306 9.82 13.39 9.54
C GLU A 306 8.87 12.86 8.49
N LYS A 307 9.28 11.76 7.85
CA LYS A 307 8.44 11.12 6.85
C LYS A 307 7.02 10.78 7.38
N LEU A 308 6.95 10.36 8.63
CA LEU A 308 5.63 10.01 9.19
C LEU A 308 4.83 11.25 9.60
N GLN A 309 5.52 12.26 10.20
CA GLN A 309 4.87 13.52 10.49
C GLN A 309 4.24 14.20 9.27
N LYS A 310 4.88 14.04 8.11
CA LYS A 310 4.39 14.71 6.90
C LYS A 310 3.38 13.87 6.11
N SER A 311 3.01 12.71 6.66
CA SER A 311 1.96 11.86 6.03
C SER A 311 0.62 12.55 6.21
N PRO A 312 -0.34 12.31 5.31
CA PRO A 312 -1.67 12.89 5.46
C PRO A 312 -2.28 12.54 6.84
N THR A 313 -2.07 11.30 7.30
CA THR A 313 -2.65 10.83 8.56
C THR A 313 -2.23 11.76 9.73
N TRP A 314 -0.92 11.99 9.84
CA TRP A 314 -0.45 12.67 11.09
C TRP A 314 -0.39 14.17 10.91
N LEU A 315 -0.42 14.69 9.67
CA LEU A 315 -0.72 16.11 9.46
C LEU A 315 -2.17 16.39 9.94
N TYR A 316 -3.12 15.57 9.50
CA TYR A 316 -4.52 15.82 9.86
C TYR A 316 -4.76 15.64 11.36
N TRP A 317 -4.24 14.57 11.96
CA TRP A 317 -4.54 14.35 13.36
C TRP A 317 -3.80 15.33 14.27
N LEU A 318 -2.62 15.77 13.84
CA LEU A 318 -1.99 16.87 14.62
C LEU A 318 -2.82 18.14 14.51
N ALA A 319 -3.35 18.47 13.34
CA ALA A 319 -4.23 19.60 13.17
C ALA A 319 -5.41 19.50 14.10
N ARG A 320 -6.03 18.30 14.16
CA ARG A 320 -7.22 18.13 15.02
C ARG A 320 -6.84 18.36 16.49
N SER A 321 -5.67 17.85 16.87
CA SER A 321 -5.15 18.03 18.23
C SER A 321 -4.93 19.51 18.54
N ARG A 322 -4.31 20.23 17.63
CA ARG A 322 -4.12 21.69 17.84
C ARG A 322 -5.45 22.38 17.95
N ALA A 323 -6.42 22.04 17.12
CA ALA A 323 -7.75 22.63 17.22
C ALA A 323 -8.36 22.33 18.56
N ALA A 324 -8.22 21.09 19.06
CA ALA A 324 -8.87 20.69 20.29
C ALA A 324 -8.28 21.40 21.49
N THR A 325 -7.02 21.86 21.37
CA THR A 325 -6.36 22.56 22.47
C THR A 325 -6.33 24.06 22.24
N GLY A 326 -7.11 24.57 21.32
CA GLY A 326 -7.25 26.01 21.16
C GLY A 326 -6.17 26.72 20.38
N ASN A 327 -5.38 25.96 19.61
CA ASN A 327 -4.32 26.55 18.76
C ASN A 327 -4.79 26.61 17.33
N THR A 328 -5.65 27.58 17.07
CA THR A 328 -6.33 27.66 15.80
C THR A 328 -5.36 27.91 14.64
N GLN A 329 -4.37 28.80 14.83
CA GLN A 329 -3.50 29.12 13.72
C GLN A 329 -2.56 27.97 13.36
N GLU A 330 -2.09 27.26 14.35
CA GLU A 330 -1.28 26.09 14.05
C GLU A 330 -2.16 25.02 13.35
N ALA A 331 -3.36 24.80 13.86
CA ALA A 331 -4.31 23.83 13.20
C ALA A 331 -4.52 24.18 11.75
N GLU A 332 -4.76 25.47 11.43
CA GLU A 332 -5.07 25.85 10.06
C GLU A 332 -3.88 25.53 9.14
N LYS A 333 -2.68 25.84 9.60
CA LYS A 333 -1.46 25.60 8.81
C LYS A 333 -1.29 24.10 8.50
N LEU A 334 -1.52 23.28 9.54
CA LEU A 334 -1.50 21.82 9.37
C LEU A 334 -2.63 21.30 8.45
N TYR A 335 -3.85 21.77 8.62
CA TYR A 335 -4.94 21.36 7.69
C TYR A 335 -4.58 21.71 6.23
N LYS A 336 -3.96 22.89 6.02
CA LYS A 336 -3.56 23.28 4.67
C LYS A 336 -2.55 22.32 4.10
N GLN A 337 -1.57 21.92 4.92
CA GLN A 337 -0.56 20.97 4.53
C GLN A 337 -1.18 19.59 4.22
N ALA A 338 -2.13 19.16 5.07
CA ALA A 338 -2.80 17.86 4.80
C ALA A 338 -3.63 17.94 3.51
N ALA A 339 -4.35 19.05 3.30
CA ALA A 339 -5.14 19.21 2.08
C ALA A 339 -4.27 19.25 0.82
N ALA A 340 -3.03 19.69 0.96
CA ALA A 340 -2.10 19.75 -0.19
C ALA A 340 -1.58 18.37 -0.61
N THR A 341 -1.93 17.31 0.14
CA THR A 341 -1.37 15.98 -0.17
C THR A 341 -2.18 15.25 -1.24
N GLY A 342 -3.22 15.88 -1.73
CA GLY A 342 -3.90 15.42 -2.92
C GLY A 342 -5.24 14.76 -2.68
N ARG A 343 -5.44 13.66 -3.41
CA ARG A 343 -6.72 13.06 -3.52
C ARG A 343 -6.81 11.85 -2.60
N ASN A 344 -7.00 12.13 -1.35
CA ASN A 344 -7.03 11.07 -0.35
C ASN A 344 -7.88 11.42 0.85
N PHE A 345 -8.28 10.38 1.58
CA PHE A 345 -9.12 10.49 2.78
C PHE A 345 -8.83 11.69 3.70
N TYR A 346 -7.61 11.77 4.20
CA TYR A 346 -7.25 12.86 5.17
C TYR A 346 -7.13 14.23 4.50
N ALA A 347 -6.75 14.28 3.22
CA ALA A 347 -6.75 15.56 2.53
C ALA A 347 -8.17 16.11 2.40
N VAL A 348 -9.15 15.25 2.09
CA VAL A 348 -10.53 15.71 1.98
C VAL A 348 -11.03 16.13 3.35
N LEU A 349 -10.75 15.35 4.37
CA LEU A 349 -11.22 15.76 5.72
C LEU A 349 -10.61 17.07 6.13
N ALA A 350 -9.33 17.25 5.82
CA ALA A 350 -8.64 18.52 6.18
C ALA A 350 -9.25 19.67 5.44
N GLY A 351 -9.52 19.51 4.14
CA GLY A 351 -10.22 20.54 3.38
C GLY A 351 -11.53 20.94 4.02
N GLU A 352 -12.29 19.98 4.53
CA GLU A 352 -13.60 20.25 5.12
C GLU A 352 -13.46 21.08 6.37
N GLU A 353 -12.45 20.79 7.18
CA GLU A 353 -12.19 21.66 8.36
C GLU A 353 -11.82 23.08 7.94
N LEU A 354 -11.35 23.25 6.70
CA LEU A 354 -11.01 24.61 6.18
C LEU A 354 -12.18 25.27 5.47
N GLY A 355 -13.35 24.63 5.45
CA GLY A 355 -14.52 25.15 4.75
C GLY A 355 -14.52 24.83 3.27
N ARG A 356 -13.68 23.88 2.85
CA ARG A 356 -13.59 23.53 1.44
C ARG A 356 -14.34 22.23 1.19
N LYS A 357 -15.35 22.25 0.34
CA LYS A 357 -15.98 20.99 -0.10
C LYS A 357 -15.24 20.36 -1.29
N ILE A 358 -15.36 19.04 -1.43
CA ILE A 358 -14.83 18.37 -2.60
C ILE A 358 -15.37 19.05 -3.86
N ASP A 359 -14.49 19.19 -4.87
CA ASP A 359 -14.93 19.76 -6.13
C ASP A 359 -14.32 18.89 -7.24
N THR A 360 -15.17 18.24 -8.00
CA THR A 360 -14.70 17.29 -9.05
C THR A 360 -14.72 17.85 -10.48
N ARG A 361 -14.89 19.17 -10.62
CA ARG A 361 -14.68 19.76 -11.96
C ARG A 361 -13.23 19.54 -12.43
N ASN A 362 -13.05 19.17 -13.69
CA ASN A 362 -11.68 19.05 -14.21
C ASN A 362 -11.07 20.43 -14.30
N ASN A 363 -9.76 20.55 -14.03
CA ASN A 363 -9.13 21.85 -14.24
C ASN A 363 -8.27 21.88 -15.47
N VAL A 364 -8.47 20.91 -16.35
CA VAL A 364 -7.78 20.83 -17.63
C VAL A 364 -8.82 20.41 -18.67
N PRO A 365 -8.54 20.72 -19.95
CA PRO A 365 -9.44 20.27 -21.02
C PRO A 365 -9.27 18.78 -21.27
N ASP A 366 -10.20 18.20 -22.04
CA ASP A 366 -10.01 16.81 -22.57
C ASP A 366 -8.77 16.79 -23.41
N ALA A 367 -8.06 15.66 -23.46
CA ALA A 367 -6.98 15.51 -24.39
C ALA A 367 -7.53 15.55 -25.82
N GLY A 368 -6.76 16.10 -26.76
CA GLY A 368 -7.21 16.14 -28.17
C GLY A 368 -7.21 14.75 -28.77
N LYS A 369 -8.15 14.47 -29.67
CA LYS A 369 -8.25 13.16 -30.16
C LYS A 369 -7.11 12.71 -31.03
N ASN A 370 -6.43 13.64 -31.74
CA ASN A 370 -5.28 13.19 -32.51
C ASN A 370 -4.18 12.72 -31.56
N SER A 371 -4.00 13.44 -30.45
CA SER A 371 -2.97 13.04 -29.49
CA SER A 371 -2.96 13.05 -29.50
C SER A 371 -3.30 11.69 -28.87
N VAL A 372 -4.57 11.47 -28.56
CA VAL A 372 -5.02 10.19 -28.04
C VAL A 372 -4.72 9.07 -29.04
N ARG A 373 -4.98 9.35 -30.33
CA ARG A 373 -4.65 8.36 -31.38
C ARG A 373 -3.14 8.14 -31.49
N ARG A 374 -2.38 9.21 -31.56
CA ARG A 374 -0.93 9.06 -31.75
C ARG A 374 -0.24 8.47 -30.53
N MET A 375 -0.82 8.66 -29.33
CA MET A 375 -0.22 8.02 -28.14
C MET A 375 -0.19 6.52 -28.30
N ALA A 376 -1.22 5.95 -28.97
CA ALA A 376 -1.27 4.50 -29.12
C ALA A 376 -0.26 3.98 -30.15
N GLU A 377 0.31 4.90 -30.94
CA GLU A 377 1.39 4.50 -31.88
C GLU A 377 2.77 4.48 -31.27
N ASP A 378 2.94 5.06 -30.08
CA ASP A 378 4.21 4.95 -29.39
C ASP A 378 4.51 3.48 -29.14
N GLY A 379 5.77 3.07 -29.31
CA GLY A 379 6.07 1.64 -29.29
C GLY A 379 5.78 0.96 -27.96
N ALA A 380 6.06 1.67 -26.86
CA ALA A 380 5.84 1.05 -25.56
C ALA A 380 4.35 1.00 -25.16
N VAL A 381 3.63 2.05 -25.48
CA VAL A 381 2.18 2.06 -25.28
C VAL A 381 1.52 1.02 -26.16
N LYS A 382 1.95 0.94 -27.44
CA LYS A 382 1.38 -0.05 -28.34
C LYS A 382 1.57 -1.45 -27.82
N ARG A 383 2.79 -1.75 -27.34
CA ARG A 383 3.05 -3.07 -26.83
C ARG A 383 2.08 -3.44 -25.68
N ALA A 384 1.84 -2.51 -24.78
CA ALA A 384 0.89 -2.75 -23.70
C ALA A 384 -0.52 -3.01 -24.21
N LEU A 385 -0.95 -2.22 -25.19
CA LEU A 385 -2.26 -2.42 -25.79
C LEU A 385 -2.36 -3.74 -26.54
N VAL A 386 -1.28 -4.14 -27.20
CA VAL A 386 -1.30 -5.47 -27.89
C VAL A 386 -1.50 -6.57 -26.88
N LEU A 387 -0.73 -6.56 -25.77
CA LEU A 387 -0.89 -7.61 -24.79
C LEU A 387 -2.29 -7.54 -24.14
N PHE A 388 -2.81 -6.34 -23.93
CA PHE A 388 -4.13 -6.22 -23.30
C PHE A 388 -5.21 -6.79 -24.26
N GLN A 389 -5.20 -6.37 -25.50
CA GLN A 389 -6.26 -6.86 -26.43
C GLN A 389 -6.12 -8.35 -26.67
N ASN A 390 -4.89 -8.88 -26.76
CA ASN A 390 -4.76 -10.31 -26.89
C ASN A 390 -5.09 -11.09 -25.65
N SER A 391 -4.91 -10.48 -24.46
CA SER A 391 -5.33 -11.18 -23.25
C SER A 391 -6.85 -11.37 -23.25
N GLN A 392 -7.55 -10.37 -23.78
CA GLN A 392 -9.02 -10.38 -23.86
C GLN A 392 -9.50 -11.40 -24.86
N SER A 393 -9.01 -11.30 -26.09
CA SER A 393 -9.45 -12.23 -27.14
C SER A 393 -9.08 -13.65 -26.78
N ALA A 394 -7.94 -13.84 -26.09
CA ALA A 394 -7.46 -15.20 -25.77
C ALA A 394 -7.78 -15.72 -24.37
N GLY A 395 -8.45 -14.90 -23.57
CA GLY A 395 -8.72 -15.27 -22.17
C GLY A 395 -7.53 -15.67 -21.33
N ASP A 396 -6.44 -14.85 -21.37
CA ASP A 396 -5.19 -15.15 -20.72
C ASP A 396 -4.96 -14.08 -19.60
N ALA A 397 -5.27 -14.43 -18.37
CA ALA A 397 -5.15 -13.45 -17.29
C ALA A 397 -3.67 -13.13 -16.99
N LYS A 398 -2.76 -14.08 -17.16
CA LYS A 398 -1.36 -13.77 -16.94
C LYS A 398 -0.89 -12.76 -17.98
N MET A 399 -1.34 -12.91 -19.23
CA MET A 399 -0.98 -11.94 -20.22
C MET A 399 -1.50 -10.56 -19.87
N ARG A 400 -2.71 -10.50 -19.29
CA ARG A 400 -3.28 -9.21 -18.92
C ARG A 400 -2.43 -8.55 -17.81
N ARG A 401 -1.94 -9.34 -16.88
CA ARG A 401 -1.04 -8.78 -15.83
C ARG A 401 0.26 -8.25 -16.44
N GLN A 402 0.79 -8.92 -17.47
CA GLN A 402 2.00 -8.38 -18.09
C GLN A 402 1.65 -7.14 -18.89
N ALA A 403 0.42 -7.07 -19.43
CA ALA A 403 -0.01 -5.85 -20.13
C ALA A 403 -0.03 -4.64 -19.16
N GLN A 404 -0.48 -4.85 -17.93
CA GLN A 404 -0.38 -3.81 -16.90
C GLN A 404 1.06 -3.42 -16.67
N ALA A 405 1.96 -4.40 -16.60
CA ALA A 405 3.38 -4.08 -16.41
C ALA A 405 3.95 -3.27 -17.57
N GLU A 406 3.55 -3.61 -18.81
CA GLU A 406 3.98 -2.82 -19.96
C GLU A 406 3.45 -1.42 -19.88
N TRP A 407 2.22 -1.26 -19.39
CA TRP A 407 1.65 0.08 -19.28
C TRP A 407 2.39 0.94 -18.29
N ARG A 408 2.66 0.38 -17.12
CA ARG A 408 3.40 1.13 -16.10
C ARG A 408 4.79 1.52 -16.61
N PHE A 409 5.44 0.58 -17.32
CA PHE A 409 6.75 0.80 -17.93
C PHE A 409 6.65 1.90 -18.97
N ALA A 410 5.65 1.81 -19.86
CA ALA A 410 5.52 2.77 -20.94
C ALA A 410 5.27 4.18 -20.45
N THR A 411 4.56 4.31 -19.33
CA THR A 411 4.13 5.64 -18.88
C THR A 411 4.98 6.18 -17.74
N ARG A 412 6.03 5.44 -17.38
CA ARG A 412 6.79 5.73 -16.18
C ARG A 412 7.39 7.14 -16.16
N GLY A 413 7.91 7.57 -17.29
CA GLY A 413 8.55 8.93 -17.24
C GLY A 413 7.66 10.10 -17.61
N PHE A 414 6.38 9.83 -17.85
CA PHE A 414 5.49 10.82 -18.46
C PHE A 414 5.22 12.04 -17.57
N ASP A 415 5.21 13.21 -18.21
CA ASP A 415 4.70 14.43 -17.56
C ASP A 415 3.19 14.35 -17.43
N GLU A 416 2.60 15.33 -16.74
CA GLU A 416 1.15 15.24 -16.44
C GLU A 416 0.30 15.28 -17.72
N ASP A 417 0.72 16.07 -18.72
CA ASP A 417 -0.05 16.10 -19.96
C ASP A 417 -0.05 14.77 -20.69
N LYS A 418 1.10 14.11 -20.74
CA LYS A 418 1.16 12.79 -21.35
C LYS A 418 0.38 11.76 -20.55
N LEU A 419 0.44 11.85 -19.22
CA LEU A 419 -0.37 10.95 -18.39
C LEU A 419 -1.85 11.09 -18.67
N LEU A 420 -2.31 12.33 -18.84
CA LEU A 420 -3.77 12.48 -19.08
C LEU A 420 -4.19 12.04 -20.47
N THR A 421 -3.29 12.23 -21.47
CA THR A 421 -3.52 11.68 -22.82
C THR A 421 -3.57 10.19 -22.80
N ALA A 422 -2.57 9.60 -22.13
CA ALA A 422 -2.49 8.15 -22.08
C ALA A 422 -3.68 7.55 -21.31
N ALA A 423 -4.16 8.25 -20.29
CA ALA A 423 -5.31 7.77 -19.53
C ALA A 423 -6.52 7.62 -20.45
N GLN A 424 -6.71 8.61 -21.36
CA GLN A 424 -7.84 8.50 -22.28
C GLN A 424 -7.64 7.40 -23.30
N THR A 425 -6.37 7.24 -23.79
CA THR A 425 -6.07 6.11 -24.69
C THR A 425 -6.44 4.78 -24.04
N ALA A 426 -6.01 4.58 -22.79
CA ALA A 426 -6.34 3.34 -22.10
C ALA A 426 -7.85 3.17 -21.92
N PHE A 427 -8.55 4.22 -21.55
CA PHE A 427 -10.01 4.12 -21.38
C PHE A 427 -10.71 3.70 -22.67
N ASP A 428 -10.29 4.32 -23.77
CA ASP A 428 -10.91 4.00 -25.07
C ASP A 428 -10.74 2.57 -25.47
N HIS A 429 -9.64 1.96 -25.07
CA HIS A 429 -9.36 0.57 -25.41
C HIS A 429 -9.92 -0.39 -24.40
N GLY A 430 -10.60 0.12 -23.39
CA GLY A 430 -11.27 -0.71 -22.38
C GLY A 430 -10.31 -1.16 -21.28
N PHE A 431 -9.14 -0.54 -21.21
CA PHE A 431 -8.07 -0.94 -20.26
C PHE A 431 -8.24 -0.06 -19.01
N TYR A 432 -9.34 -0.34 -18.31
CA TYR A 432 -9.87 0.65 -17.38
C TYR A 432 -8.98 0.93 -16.20
N ASP A 433 -8.35 -0.11 -15.67
CA ASP A 433 -7.48 0.07 -14.55
C ASP A 433 -6.27 0.94 -14.88
N MET A 434 -5.77 0.86 -16.11
CA MET A 434 -4.62 1.69 -16.50
C MET A 434 -5.04 3.12 -16.80
N ALA A 435 -6.32 3.33 -17.20
CA ALA A 435 -6.81 4.70 -17.31
C ALA A 435 -6.76 5.41 -15.94
N VAL A 436 -7.24 4.72 -14.91
CA VAL A 436 -7.12 5.27 -13.55
C VAL A 436 -5.67 5.38 -13.11
N ASN A 437 -4.87 4.36 -13.43
CA ASN A 437 -3.43 4.37 -13.01
C ASN A 437 -2.71 5.61 -13.51
N SER A 438 -2.94 5.98 -14.76
CA SER A 438 -2.25 7.15 -15.30
C SER A 438 -2.88 8.46 -14.78
N ALA A 439 -4.21 8.50 -14.77
CA ALA A 439 -4.87 9.76 -14.35
C ALA A 439 -4.57 10.12 -12.87
N GLU A 440 -4.43 9.09 -12.01
CA GLU A 440 -4.30 9.37 -10.61
C GLU A 440 -2.90 9.79 -10.25
N ARG A 441 -1.95 9.65 -11.19
CA ARG A 441 -0.54 9.99 -10.88
C ARG A 441 -0.24 11.50 -10.95
N THR A 442 -1.17 12.32 -11.42
CA THR A 442 -0.86 13.74 -11.58
C THR A 442 -0.91 14.46 -10.24
N ASP A 443 -0.34 15.65 -10.18
CA ASP A 443 -0.55 16.50 -9.00
C ASP A 443 -1.33 17.75 -9.27
N ARG A 444 -0.95 18.49 -10.30
CA ARG A 444 -1.52 19.78 -10.58
C ARG A 444 -2.71 19.72 -11.51
N LYS A 445 -2.56 18.93 -12.59
CA LYS A 445 -3.62 18.85 -13.61
C LYS A 445 -4.59 17.68 -13.30
N LEU A 446 -5.86 17.98 -13.08
CA LEU A 446 -6.78 17.04 -12.49
C LEU A 446 -7.96 16.71 -13.41
N ASN A 447 -8.08 15.42 -13.78
CA ASN A 447 -9.22 15.02 -14.58
C ASN A 447 -9.94 13.96 -13.75
N TYR A 448 -11.03 14.37 -13.14
CA TYR A 448 -11.73 13.48 -12.19
C TYR A 448 -12.49 12.41 -12.89
N THR A 449 -12.92 12.65 -14.12
CA THR A 449 -13.69 11.69 -14.92
CA THR A 449 -13.70 11.64 -14.83
C THR A 449 -12.84 10.45 -15.20
N LEU A 450 -11.51 10.66 -15.31
CA LEU A 450 -10.60 9.53 -15.63
C LEU A 450 -10.02 8.97 -14.32
N ARG A 451 -9.90 9.78 -13.29
CA ARG A 451 -9.50 9.24 -11.95
C ARG A 451 -10.61 8.35 -11.35
N TYR A 452 -11.85 8.77 -11.55
CA TYR A 452 -13.03 8.11 -10.95
C TYR A 452 -13.95 7.70 -12.05
N ILE A 453 -13.49 6.81 -12.89
CA ILE A 453 -14.33 6.28 -13.98
C ILE A 453 -15.51 5.50 -13.40
N SER A 454 -16.60 5.46 -14.18
CA SER A 454 -17.76 4.72 -13.73
C SER A 454 -18.37 3.90 -14.87
N PRO A 455 -17.61 2.92 -15.41
CA PRO A 455 -18.22 2.00 -16.37
C PRO A 455 -19.26 1.13 -15.65
N PHE A 456 -20.12 0.51 -16.45
CA PHE A 456 -21.06 -0.50 -15.96
C PHE A 456 -22.21 0.09 -15.16
N LYS A 457 -22.50 1.38 -15.32
CA LYS A 457 -23.64 2.00 -14.59
C LYS A 457 -24.98 1.32 -14.89
N ASP A 458 -25.15 0.72 -16.07
CA ASP A 458 -26.47 0.02 -16.38
C ASP A 458 -26.66 -1.26 -15.57
N THR A 459 -25.63 -1.64 -14.82
CA THR A 459 -25.67 -2.80 -13.96
C THR A 459 -25.47 -2.43 -12.49
N VAL A 460 -24.47 -1.61 -12.20
CA VAL A 460 -24.15 -1.31 -10.82
C VAL A 460 -25.22 -0.48 -10.11
N ILE A 461 -25.77 0.52 -10.79
CA ILE A 461 -26.75 1.40 -10.16
C ILE A 461 -28.02 0.58 -9.80
N ARG A 462 -28.45 -0.28 -10.72
CA ARG A 462 -29.65 -1.05 -10.48
C ARG A 462 -29.45 -2.01 -9.31
N HIS A 463 -28.35 -2.76 -9.33
CA HIS A 463 -28.09 -3.73 -8.21
C HIS A 463 -28.00 -3.00 -6.86
N ALA A 464 -27.36 -1.83 -6.82
CA ALA A 464 -27.24 -1.05 -5.60
C ALA A 464 -28.59 -0.55 -5.09
N GLN A 465 -29.42 -0.06 -6.05
CA GLN A 465 -30.75 0.41 -5.71
C GLN A 465 -31.61 -0.74 -5.17
N ASN A 466 -31.43 -1.91 -5.76
CA ASN A 466 -32.24 -3.09 -5.38
C ASN A 466 -32.04 -3.54 -3.94
N VAL A 467 -30.90 -3.19 -3.35
CA VAL A 467 -30.69 -3.54 -1.91
C VAL A 467 -30.52 -2.29 -1.09
N ASN A 468 -30.88 -1.14 -1.67
CA ASN A 468 -30.89 0.13 -0.98
C ASN A 468 -29.54 0.52 -0.39
N VAL A 469 -28.46 0.36 -1.16
CA VAL A 469 -27.17 0.92 -0.74
C VAL A 469 -26.78 2.02 -1.70
N ASP A 470 -26.02 2.97 -1.14
CA ASP A 470 -25.57 4.16 -1.86
C ASP A 470 -24.65 3.78 -3.06
N PRO A 471 -25.04 4.11 -4.29
CA PRO A 471 -24.21 3.72 -5.44
C PRO A 471 -22.84 4.38 -5.47
N ALA A 472 -22.67 5.54 -4.83
CA ALA A 472 -21.35 6.16 -4.74
C ALA A 472 -20.44 5.30 -3.88
N TRP A 473 -21.02 4.76 -2.81
CA TRP A 473 -20.27 3.84 -1.94
C TRP A 473 -19.88 2.53 -2.69
N VAL A 474 -20.81 1.98 -3.45
CA VAL A 474 -20.50 0.78 -4.25
C VAL A 474 -19.37 1.08 -5.23
N TYR A 475 -19.50 2.19 -6.00
CA TYR A 475 -18.43 2.53 -6.92
C TYR A 475 -17.09 2.72 -6.22
N GLY A 476 -17.12 3.36 -5.03
CA GLY A 476 -15.91 3.55 -4.28
C GLY A 476 -15.25 2.24 -3.88
N LEU A 477 -16.10 1.28 -3.52
CA LEU A 477 -15.61 -0.04 -3.20
C LEU A 477 -15.05 -0.76 -4.43
N ILE A 478 -15.76 -0.73 -5.55
CA ILE A 478 -15.24 -1.36 -6.76
C ILE A 478 -13.88 -0.77 -7.16
N ARG A 479 -13.75 0.56 -7.14
CA ARG A 479 -12.50 1.19 -7.56
C ARG A 479 -11.35 0.67 -6.72
N GLN A 480 -11.58 0.52 -5.42
CA GLN A 480 -10.49 0.04 -4.54
C GLN A 480 -10.24 -1.46 -4.73
N GLU A 481 -11.31 -2.22 -4.88
CA GLU A 481 -11.19 -3.70 -4.93
C GLU A 481 -10.53 -4.16 -6.22
N SER A 482 -11.05 -3.70 -7.36
CA SER A 482 -10.63 -4.28 -8.66
C SER A 482 -10.12 -3.27 -9.67
N ARG A 483 -10.23 -1.96 -9.39
CA ARG A 483 -9.98 -0.90 -10.40
C ARG A 483 -10.70 -1.19 -11.72
N PHE A 484 -11.87 -1.81 -11.62
CA PHE A 484 -12.81 -2.08 -12.71
C PHE A 484 -12.30 -3.15 -13.69
N VAL A 485 -11.44 -4.02 -13.17
CA VAL A 485 -11.00 -5.19 -13.96
C VAL A 485 -12.03 -6.33 -13.71
N ILE A 486 -12.79 -6.73 -14.74
CA ILE A 486 -13.91 -7.63 -14.52
C ILE A 486 -13.48 -9.02 -14.11
N GLY A 487 -12.28 -9.43 -14.48
CA GLY A 487 -11.80 -10.77 -14.12
C GLY A 487 -10.74 -10.77 -13.07
N ALA A 488 -10.66 -9.69 -12.29
CA ALA A 488 -9.63 -9.56 -11.25
C ALA A 488 -9.62 -10.78 -10.31
N GLN A 489 -8.42 -11.19 -9.92
CA GLN A 489 -8.24 -12.39 -9.09
C GLN A 489 -7.16 -12.20 -8.05
N SER A 490 -7.50 -12.15 -6.76
CA SER A 490 -6.47 -11.86 -5.78
C SER A 490 -5.60 -13.09 -5.47
N ARG A 491 -4.53 -12.84 -4.72
CA ARG A 491 -3.61 -13.86 -4.23
C ARG A 491 -4.34 -14.97 -3.50
N VAL A 492 -5.42 -14.63 -2.82
CA VAL A 492 -6.17 -15.63 -2.07
C VAL A 492 -7.49 -16.05 -2.71
N GLY A 493 -7.70 -15.70 -3.99
CA GLY A 493 -8.85 -16.15 -4.73
C GLY A 493 -10.08 -15.24 -4.75
N ALA A 494 -9.93 -14.01 -4.27
CA ALA A 494 -11.07 -13.08 -4.37
C ALA A 494 -11.25 -12.72 -5.83
N GLN A 495 -12.51 -12.67 -6.21
CA GLN A 495 -12.84 -12.67 -7.63
C GLN A 495 -13.70 -11.52 -8.10
N GLY A 496 -13.29 -10.92 -9.23
CA GLY A 496 -14.22 -10.05 -9.98
C GLY A 496 -14.20 -8.60 -9.49
N LEU A 497 -15.14 -7.83 -10.03
CA LEU A 497 -15.21 -6.39 -9.81
C LEU A 497 -15.30 -6.03 -8.32
N MET A 498 -15.99 -6.89 -7.57
CA MET A 498 -16.19 -6.60 -6.14
C MET A 498 -15.39 -7.53 -5.22
N GLN A 499 -14.54 -8.38 -5.82
CA GLN A 499 -13.54 -9.15 -5.06
C GLN A 499 -14.17 -9.98 -3.93
N VAL A 500 -15.23 -10.69 -4.30
CA VAL A 500 -15.89 -11.58 -3.38
C VAL A 500 -15.07 -12.88 -3.27
N MET A 501 -14.88 -13.38 -2.06
CA MET A 501 -14.17 -14.64 -1.89
C MET A 501 -15.09 -15.81 -2.24
N PRO A 502 -14.54 -16.88 -2.87
CA PRO A 502 -15.40 -18.04 -3.19
C PRO A 502 -16.21 -18.59 -1.96
N ALA A 503 -15.59 -18.69 -0.78
CA ALA A 503 -16.32 -19.23 0.35
C ALA A 503 -17.54 -18.32 0.67
N THR A 504 -17.36 -17.01 0.51
CA THR A 504 -18.43 -16.06 0.80
C THR A 504 -19.46 -16.16 -0.31
N ALA A 505 -18.99 -16.27 -1.58
CA ALA A 505 -19.92 -16.40 -2.70
C ALA A 505 -20.83 -17.61 -2.54
N ARG A 506 -20.26 -18.74 -2.10
CA ARG A 506 -21.06 -19.96 -1.87
C ARG A 506 -22.16 -19.71 -0.82
N GLU A 507 -21.80 -19.00 0.23
CA GLU A 507 -22.79 -18.68 1.29
C GLU A 507 -23.86 -17.76 0.76
N ILE A 508 -23.45 -16.69 0.05
CA ILE A 508 -24.46 -15.77 -0.53
C ILE A 508 -25.34 -16.46 -1.51
N ALA A 509 -24.74 -17.29 -2.39
CA ALA A 509 -25.53 -17.99 -3.41
C ALA A 509 -26.62 -18.84 -2.77
N GLY A 510 -26.26 -19.50 -1.66
CA GLY A 510 -27.26 -20.25 -0.88
C GLY A 510 -28.38 -19.43 -0.26
N LYS A 511 -28.14 -18.14 -0.01
CA LYS A 511 -29.17 -17.29 0.58
C LYS A 511 -30.11 -16.65 -0.46
N ILE A 512 -29.58 -16.29 -1.62
CA ILE A 512 -30.37 -15.55 -2.59
C ILE A 512 -30.58 -16.28 -3.90
N GLY A 513 -30.51 -17.61 -3.85
CA GLY A 513 -30.91 -18.44 -4.99
C GLY A 513 -30.08 -18.23 -6.23
N MET A 514 -28.76 -18.23 -6.07
CA MET A 514 -27.88 -18.13 -7.20
C MET A 514 -27.04 -19.40 -7.26
N ASP A 515 -26.28 -19.53 -8.33
CA ASP A 515 -25.27 -20.56 -8.40
C ASP A 515 -23.92 -19.96 -8.06
N ALA A 516 -23.11 -20.70 -7.30
CA ALA A 516 -21.81 -20.16 -6.83
C ALA A 516 -20.92 -19.64 -7.96
N ALA A 517 -20.93 -20.30 -9.13
CA ALA A 517 -20.00 -19.92 -10.19
C ALA A 517 -20.41 -18.63 -10.88
N GLN A 518 -21.61 -18.08 -10.57
CA GLN A 518 -21.98 -16.72 -11.06
C GLN A 518 -21.09 -15.63 -10.46
N LEU A 519 -20.36 -15.95 -9.41
CA LEU A 519 -19.24 -15.15 -8.94
C LEU A 519 -18.31 -14.66 -10.09
N TYR A 520 -18.10 -15.55 -11.08
CA TYR A 520 -17.11 -15.30 -12.16
C TYR A 520 -17.72 -14.58 -13.39
N THR A 521 -18.98 -14.18 -13.34
CA THR A 521 -19.59 -13.26 -14.30
C THR A 521 -19.76 -11.84 -13.74
N ALA A 522 -19.65 -10.81 -14.58
CA ALA A 522 -19.75 -9.42 -14.08
C ALA A 522 -21.07 -9.15 -13.37
N ASP A 523 -22.19 -9.46 -14.00
CA ASP A 523 -23.50 -9.19 -13.48
C ASP A 523 -23.77 -9.97 -12.16
N GLY A 524 -23.41 -11.26 -12.12
CA GLY A 524 -23.51 -12.03 -10.91
C GLY A 524 -22.58 -11.51 -9.82
N ASN A 525 -21.39 -11.10 -10.19
CA ASN A 525 -20.46 -10.57 -9.24
C ASN A 525 -21.00 -9.31 -8.54
N ILE A 526 -21.59 -8.41 -9.31
CA ILE A 526 -22.10 -7.13 -8.79
C ILE A 526 -23.32 -7.43 -7.94
N ARG A 527 -24.17 -8.36 -8.37
CA ARG A 527 -25.31 -8.77 -7.52
C ARG A 527 -24.83 -9.35 -6.17
N MET A 528 -23.81 -10.22 -6.19
CA MET A 528 -23.32 -10.84 -4.95
C MET A 528 -22.71 -9.76 -4.04
N GLY A 529 -21.87 -8.88 -4.63
CA GLY A 529 -21.14 -7.93 -3.81
C GLY A 529 -22.05 -6.87 -3.21
N THR A 530 -22.99 -6.38 -3.99
CA THR A 530 -23.89 -5.36 -3.47
C THR A 530 -24.79 -5.99 -2.40
N TRP A 531 -25.27 -7.23 -2.62
CA TRP A 531 -26.10 -7.86 -1.62
C TRP A 531 -25.31 -8.04 -0.31
N TYR A 532 -24.05 -8.45 -0.46
CA TYR A 532 -23.19 -8.67 0.71
C TYR A 532 -22.88 -7.36 1.44
N MET A 533 -22.69 -6.26 0.71
CA MET A 533 -22.56 -4.94 1.41
C MET A 533 -23.80 -4.68 2.26
N ALA A 534 -24.99 -4.90 1.70
CA ALA A 534 -26.20 -4.62 2.43
C ALA A 534 -26.42 -5.57 3.61
N ASP A 535 -26.09 -6.82 3.44
CA ASP A 535 -26.29 -7.81 4.49
C ASP A 535 -25.31 -7.57 5.64
N THR A 536 -24.06 -7.27 5.25
CA THR A 536 -23.05 -7.00 6.26
C THR A 536 -23.43 -5.74 7.04
N LYS A 537 -23.90 -4.72 6.33
CA LYS A 537 -24.35 -3.52 7.00
C LYS A 537 -25.51 -3.82 7.98
N ARG A 538 -26.50 -4.59 7.52
CA ARG A 538 -27.62 -4.98 8.39
CA ARG A 538 -27.63 -4.95 8.39
C ARG A 538 -27.14 -5.64 9.68
N ARG A 539 -26.10 -6.45 9.59
CA ARG A 539 -25.57 -7.19 10.68
C ARG A 539 -24.67 -6.37 11.60
N LEU A 540 -24.34 -5.15 11.23
CA LEU A 540 -23.38 -4.29 11.97
C LEU A 540 -24.06 -2.98 12.29
N GLN A 541 -25.23 -3.10 12.94
CA GLN A 541 -25.99 -1.90 13.39
C GLN A 541 -26.28 -0.90 12.30
N ASN A 542 -26.39 -1.40 11.04
CA ASN A 542 -26.68 -0.59 9.87
C ASN A 542 -25.70 0.55 9.64
N ASN A 543 -24.43 0.34 10.03
CA ASN A 543 -23.44 1.42 9.92
C ASN A 543 -22.51 1.18 8.70
N GLU A 544 -22.33 2.17 7.88
CA GLU A 544 -21.57 2.00 6.62
C GLU A 544 -20.07 1.85 6.83
N VAL A 545 -19.54 2.52 7.84
CA VAL A 545 -18.12 2.35 8.17
C VAL A 545 -17.84 0.93 8.66
N LEU A 546 -18.65 0.46 9.62
CA LEU A 546 -18.53 -0.92 10.07
C LEU A 546 -18.70 -1.86 8.86
N ALA A 547 -19.69 -1.58 8.01
CA ALA A 547 -19.95 -2.50 6.88
C ALA A 547 -18.75 -2.58 5.97
N THR A 548 -18.05 -1.47 5.77
CA THR A 548 -16.91 -1.44 4.85
C THR A 548 -15.78 -2.28 5.46
N ALA A 549 -15.54 -2.12 6.76
CA ALA A 549 -14.56 -2.93 7.44
C ALA A 549 -14.95 -4.40 7.40
N GLY A 550 -16.23 -4.69 7.61
CA GLY A 550 -16.74 -6.07 7.66
C GLY A 550 -16.67 -6.75 6.30
N TYR A 551 -16.85 -5.98 5.22
CA TYR A 551 -16.77 -6.57 3.90
C TYR A 551 -15.37 -7.12 3.64
N ASN A 552 -14.34 -6.42 4.10
CA ASN A 552 -12.96 -6.80 3.88
C ASN A 552 -12.42 -7.79 4.90
N ALA A 553 -12.79 -7.65 6.17
CA ALA A 553 -12.21 -8.41 7.26
C ALA A 553 -13.17 -9.41 7.88
N GLY A 554 -14.43 -9.36 7.49
CA GLY A 554 -15.48 -10.18 8.09
C GLY A 554 -16.22 -9.40 9.19
N PRO A 555 -17.53 -9.59 9.30
CA PRO A 555 -18.27 -8.79 10.30
C PRO A 555 -17.87 -9.06 11.74
N GLY A 556 -17.41 -10.29 12.04
CA GLY A 556 -16.96 -10.58 13.40
C GLY A 556 -15.79 -9.71 13.79
N ARG A 557 -14.90 -9.44 12.84
CA ARG A 557 -13.78 -8.58 13.18
C ARG A 557 -14.22 -7.15 13.29
N ALA A 558 -15.06 -6.69 12.38
CA ALA A 558 -15.49 -5.33 12.44
C ALA A 558 -16.15 -5.00 13.78
N ARG A 559 -16.89 -5.95 14.30
CA ARG A 559 -17.56 -5.80 15.58
C ARG A 559 -16.60 -5.87 16.75
N ARG A 560 -15.61 -6.73 16.65
CA ARG A 560 -14.57 -6.79 17.68
C ARG A 560 -13.86 -5.44 17.84
N TRP A 561 -13.74 -4.68 16.75
CA TRP A 561 -13.00 -3.42 16.79
C TRP A 561 -13.82 -2.26 17.33
N GLN A 562 -15.12 -2.46 17.55
CA GLN A 562 -15.88 -1.40 18.21
C GLN A 562 -15.48 -1.25 19.63
N ALA A 563 -15.84 -0.12 20.20
CA ALA A 563 -15.55 0.16 21.63
C ALA A 563 -16.83 0.03 22.42
N ASP A 564 -16.74 0.19 23.74
CA ASP A 564 -17.97 0.14 24.52
C ASP A 564 -18.66 1.53 24.61
N THR A 565 -18.00 2.51 24.00
CA THR A 565 -18.55 3.87 23.84
C THR A 565 -18.60 4.11 22.32
N PRO A 566 -19.38 5.08 21.86
CA PRO A 566 -19.31 5.43 20.43
C PRO A 566 -17.95 5.94 20.03
N LEU A 567 -17.64 5.82 18.75
CA LEU A 567 -16.38 6.35 18.21
C LEU A 567 -16.67 7.20 16.99
N GLU A 568 -15.97 8.34 16.85
CA GLU A 568 -15.98 9.07 15.62
C GLU A 568 -15.54 8.13 14.49
N GLY A 569 -16.23 8.19 13.35
CA GLY A 569 -15.94 7.25 12.26
C GLY A 569 -14.48 7.24 11.85
N ALA A 570 -13.86 8.40 11.71
CA ALA A 570 -12.43 8.39 11.26
C ALA A 570 -11.52 7.82 12.34
N VAL A 571 -11.90 7.93 13.63
CA VAL A 571 -11.14 7.32 14.69
C VAL A 571 -11.25 5.82 14.70
N TYR A 572 -12.46 5.28 14.50
CA TYR A 572 -12.59 3.82 14.29
C TYR A 572 -11.73 3.40 13.09
N ALA A 573 -11.82 4.10 11.99
CA ALA A 573 -11.04 3.66 10.79
C ALA A 573 -9.54 3.66 11.07
N GLU A 574 -9.03 4.73 11.65
CA GLU A 574 -7.56 4.85 11.84
C GLU A 574 -7.02 3.86 12.87
N THR A 575 -7.91 3.36 13.75
CA THR A 575 -7.44 2.42 14.74
C THR A 575 -7.84 0.95 14.46
N ILE A 576 -8.20 0.67 13.20
CA ILE A 576 -8.40 -0.72 12.76
C ILE A 576 -7.07 -1.48 12.88
N PRO A 577 -7.06 -2.62 13.60
CA PRO A 577 -5.82 -3.36 13.85
C PRO A 577 -5.17 -3.96 12.61
N PHE A 578 -5.96 -4.35 11.60
CA PHE A 578 -5.38 -4.95 10.38
C PHE A 578 -4.98 -3.86 9.40
N SER A 579 -3.68 -3.80 9.05
CA SER A 579 -3.23 -2.71 8.21
C SER A 579 -3.96 -2.68 6.86
N GLU A 580 -4.21 -3.83 6.28
CA GLU A 580 -4.86 -3.88 4.96
C GLU A 580 -6.28 -3.30 5.07
N THR A 581 -7.01 -3.71 6.11
CA THR A 581 -8.41 -3.23 6.26
C THR A 581 -8.42 -1.75 6.60
N ARG A 582 -7.48 -1.31 7.46
CA ARG A 582 -7.43 0.13 7.81
C ARG A 582 -7.24 1.00 6.58
N ASP A 583 -6.27 0.61 5.72
CA ASP A 583 -6.08 1.34 4.46
C ASP A 583 -7.30 1.30 3.56
N TYR A 584 -7.89 0.10 3.47
CA TYR A 584 -9.07 -0.20 2.64
C TYR A 584 -10.24 0.73 3.00
N VAL A 585 -10.59 0.82 4.29
CA VAL A 585 -11.76 1.62 4.66
C VAL A 585 -11.57 3.09 4.28
N LYS A 586 -10.38 3.65 4.55
CA LYS A 586 -10.14 5.05 4.18
C LYS A 586 -10.20 5.28 2.69
N LYS A 587 -9.62 4.36 1.90
CA LYS A 587 -9.70 4.54 0.45
C LYS A 587 -11.09 4.41 -0.11
N VAL A 588 -11.84 3.41 0.37
CA VAL A 588 -13.21 3.20 -0.14
C VAL A 588 -14.06 4.45 0.19
N MET A 589 -13.91 4.96 1.43
CA MET A 589 -14.76 6.13 1.80
C MET A 589 -14.31 7.41 1.10
N ALA A 590 -13.01 7.62 0.89
CA ALA A 590 -12.59 8.77 0.04
C ALA A 590 -13.11 8.63 -1.37
N ASN A 591 -12.95 7.42 -1.95
CA ASN A 591 -13.50 7.17 -3.27
C ASN A 591 -14.98 7.53 -3.34
N ALA A 592 -15.72 7.07 -2.34
CA ALA A 592 -17.17 7.27 -2.35
C ALA A 592 -17.51 8.77 -2.35
N ALA A 593 -16.73 9.54 -1.61
CA ALA A 593 -16.94 11.03 -1.62
C ALA A 593 -16.73 11.63 -3.01
N TYR A 594 -15.72 11.17 -3.73
CA TYR A 594 -15.49 11.69 -5.09
C TYR A 594 -16.59 11.24 -6.01
N TYR A 595 -17.04 9.96 -5.95
CA TYR A 595 -18.11 9.52 -6.80
C TYR A 595 -19.41 10.25 -6.52
N ALA A 596 -19.67 10.50 -5.25
CA ALA A 596 -20.95 11.19 -4.90
C ALA A 596 -20.99 12.59 -5.54
N ALA A 597 -19.84 13.25 -5.55
CA ALA A 597 -19.72 14.57 -6.22
C ALA A 597 -19.93 14.49 -7.73
N LEU A 598 -19.37 13.49 -8.39
CA LEU A 598 -19.65 13.29 -9.84
C LEU A 598 -21.07 12.88 -10.18
N PHE A 599 -21.73 12.17 -9.25
CA PHE A 599 -23.04 11.63 -9.50
C PHE A 599 -24.16 12.64 -9.26
N GLY A 600 -23.84 13.68 -8.55
CA GLY A 600 -24.77 14.81 -8.31
C GLY A 600 -25.88 14.60 -7.31
N ALA A 601 -25.68 13.69 -6.35
CA ALA A 601 -26.66 13.52 -5.28
C ALA A 601 -26.50 14.71 -4.31
N PRO A 602 -27.50 14.95 -3.44
CA PRO A 602 -27.29 16.02 -2.46
C PRO A 602 -25.99 15.80 -1.66
N HIS A 603 -25.27 16.88 -1.38
CA HIS A 603 -23.93 16.81 -0.82
C HIS A 603 -23.86 16.16 0.56
N ILE A 604 -22.90 15.26 0.71
CA ILE A 604 -22.65 14.61 2.01
C ILE A 604 -21.17 14.82 2.28
N PRO A 605 -20.82 15.65 3.26
CA PRO A 605 -19.43 15.80 3.62
C PRO A 605 -18.80 14.44 4.00
N LEU A 606 -17.51 14.24 3.70
CA LEU A 606 -16.87 12.97 4.11
C LEU A 606 -16.95 12.77 5.63
N LYS A 607 -16.83 13.85 6.40
CA LYS A 607 -16.97 13.75 7.85
C LYS A 607 -18.33 13.18 8.26
N GLN A 608 -19.38 13.56 7.53
CA GLN A 608 -20.72 13.05 7.75
C GLN A 608 -20.85 11.61 7.30
N ARG A 609 -20.25 11.30 6.14
CA ARG A 609 -20.25 9.89 5.67
C ARG A 609 -19.60 8.99 6.76
N MET A 610 -18.54 9.47 7.38
CA MET A 610 -17.84 8.70 8.44
C MET A 610 -18.69 8.64 9.71
N GLY A 611 -19.38 9.75 9.99
CA GLY A 611 -20.36 9.80 11.12
C GLY A 611 -19.84 9.28 12.42
N ILE A 612 -20.71 8.57 13.16
CA ILE A 612 -20.36 8.00 14.45
C ILE A 612 -20.61 6.50 14.41
N VAL A 613 -19.59 5.73 14.78
CA VAL A 613 -19.66 4.28 14.88
C VAL A 613 -20.21 3.96 16.25
N PRO A 614 -21.30 3.17 16.31
CA PRO A 614 -21.93 2.95 17.61
C PRO A 614 -21.10 2.15 18.60
N ALA A 615 -21.42 2.30 19.89
CA ALA A 615 -20.88 1.36 20.88
C ALA A 615 -21.38 -0.06 20.63
N ARG A 616 -20.53 -1.00 21.00
CA ARG A 616 -20.84 -2.43 21.01
C ARG A 616 -21.98 -2.62 22.03
#